data_5OXK
#
_entry.id   5OXK
#
_cell.length_a   100.700
_cell.length_b   110.200
_cell.length_c   105.200
_cell.angle_alpha   90.00
_cell.angle_beta   90.00
_cell.angle_gamma   90.00
#
_symmetry.space_group_name_H-M   'C 2 2 21'
#
loop_
_entity.id
_entity.type
_entity.pdbx_description
1 polymer 'Di-or tripeptide:H+ symporter'
2 non-polymer 'PHOSPHATE ION'
3 non-polymer 'PENTAETHYLENE GLYCOL'
4 non-polymer (2R)-2,3-DIHYDROXYPROPYL(7Z)-PENTADEC-7-ENOATE
5 non-polymer (2S)-2,3-DIHYDROXYPROPYL(7Z)-PENTADEC-7-ENOATE
6 non-polymer ALANINE
7 non-polymer GLUTAMINE
8 water water
#
_entity_poly.entity_id   1
_entity_poly.type   'polypeptide(L)'
_entity_poly.pdbx_seq_one_letter_code
;MEDKGKTFFGQPLGLSTLFMTEMWERFSYYGMRAILLYYMWFLISTGDLHITRATAASIMAIYASMVYLSGTIGGFVADR
IIGARPAVFWGGVLIMLGHIVLALPFGASALFGSIILIIIGTGFLKPNVSTLVGTLYDEHDRRRDAGFSIFVFGINLGAF
IAPLIVGAAQEAAGYHVAFSLAAIGMFIGLLVYYFGGKKTLDPHYLRPTDPLAPEEVKPLLVKVSLAVAGFIAIIVVMNL
VGWNSLPAYINLLTIVAIAIPVFYFAWMISSVKVTSTEHLRVVSYIPLFIAAVLFWAIEEQGSVVLATFAAERVDSSWFP
VSWFQSLNPLFIMLYTPFFAWLWTAWKKNQPSSPTKFAVGLMFAGLSFLLMAIPGALYGTSGKVSPLWLVGSWALVILGE
MLISPVGLSVTTKLAPKAFNSQMMSMWFLSSSVGSALNAQLVTLYNAKSEVAYFSYFGLGSVVLGIVLVFLSKRIQGLMQ
GVEAENLYFQ
;
_entity_poly.pdbx_strand_id   A
#
loop_
_chem_comp.id
_chem_comp.type
_chem_comp.name
_chem_comp.formula
1PE non-polymer 'PENTAETHYLENE GLYCOL' 'C10 H22 O6'
78M non-polymer (2S)-2,3-DIHYDROXYPROPYL(7Z)-PENTADEC-7-ENOATE 'C18 H34 O4'
78N non-polymer (2R)-2,3-DIHYDROXYPROPYL(7Z)-PENTADEC-7-ENOATE 'C18 H34 O4'
PO4 non-polymer 'PHOSPHATE ION' 'O4 P -3'
#
# COMPACT_ATOMS: atom_id res chain seq x y z
N LYS A 6 -34.17 -2.10 -4.06
CA LYS A 6 -33.03 -2.90 -4.47
C LYS A 6 -31.73 -2.10 -4.33
N THR A 7 -30.96 -2.40 -3.28
CA THR A 7 -29.71 -1.70 -3.01
C THR A 7 -28.56 -2.68 -2.88
N PHE A 8 -27.35 -2.15 -2.68
CA PHE A 8 -26.23 -2.95 -2.25
C PHE A 8 -25.86 -2.57 -0.82
N PHE A 9 -26.43 -3.31 0.13
CA PHE A 9 -26.26 -3.06 1.56
C PHE A 9 -26.64 -1.62 1.92
N GLY A 10 -27.76 -1.17 1.36
CA GLY A 10 -28.29 0.16 1.62
C GLY A 10 -27.81 1.20 0.61
N GLN A 11 -26.86 0.81 -0.21
CA GLN A 11 -26.20 1.75 -1.13
C GLN A 11 -26.66 1.54 -2.56
N PRO A 12 -26.53 2.58 -3.42
CA PRO A 12 -26.89 2.42 -4.83
C PRO A 12 -26.12 1.27 -5.49
N LEU A 13 -26.78 0.50 -6.36
CA LEU A 13 -26.21 -0.71 -6.97
C LEU A 13 -24.80 -0.52 -7.52
N GLY A 14 -24.46 0.71 -7.88
CA GLY A 14 -23.14 1.03 -8.37
C GLY A 14 -22.02 0.63 -7.41
N LEU A 15 -22.30 0.64 -6.11
CA LEU A 15 -21.29 0.30 -5.12
C LEU A 15 -20.76 -1.11 -5.38
N SER A 16 -21.65 -2.03 -5.74
CA SER A 16 -21.26 -3.41 -6.00
C SER A 16 -20.23 -3.53 -7.13
N THR A 17 -20.43 -2.78 -8.20
CA THR A 17 -19.48 -2.75 -9.32
C THR A 17 -18.08 -2.29 -8.89
N LEU A 18 -18.01 -1.12 -8.27
CA LEU A 18 -16.76 -0.55 -7.80
C LEU A 18 -16.15 -1.40 -6.67
N PHE A 19 -17.01 -1.93 -5.81
CA PHE A 19 -16.64 -2.88 -4.75
C PHE A 19 -15.84 -4.06 -5.30
N MET A 20 -16.39 -4.71 -6.31
CA MET A 20 -15.74 -5.90 -6.89
C MET A 20 -14.53 -5.53 -7.73
N THR A 21 -14.58 -4.36 -8.38
CA THR A 21 -13.45 -3.88 -9.16
C THR A 21 -12.23 -3.77 -8.26
N GLU A 22 -12.40 -3.11 -7.13
CA GLU A 22 -11.31 -2.92 -6.18
C GLU A 22 -10.90 -4.24 -5.54
N MET A 23 -11.88 -5.06 -5.17
CA MET A 23 -11.61 -6.35 -4.55
C MET A 23 -10.68 -7.20 -5.42
N TRP A 24 -10.94 -7.23 -6.72
CA TRP A 24 -10.13 -8.01 -7.64
C TRP A 24 -8.78 -7.33 -7.93
N GLU A 25 -8.77 -6.02 -7.91
CA GLU A 25 -7.52 -5.28 -8.05
C GLU A 25 -6.62 -5.56 -6.85
N ARG A 26 -7.20 -5.43 -5.65
CA ARG A 26 -6.50 -5.72 -4.42
C ARG A 26 -6.04 -7.17 -4.36
N PHE A 27 -6.89 -8.06 -4.86
CA PHE A 27 -6.55 -9.46 -5.00
C PHE A 27 -5.23 -9.62 -5.78
N SER A 28 -5.13 -8.99 -6.93
CA SER A 28 -3.95 -9.14 -7.77
C SER A 28 -2.74 -8.50 -7.11
N TYR A 29 -2.95 -7.33 -6.51
CA TYR A 29 -1.85 -6.62 -5.86
C TYR A 29 -1.32 -7.41 -4.67
N TYR A 30 -2.20 -7.74 -3.72
CA TYR A 30 -1.75 -8.39 -2.50
C TYR A 30 -1.45 -9.86 -2.71
N GLY A 31 -1.96 -10.43 -3.80
CA GLY A 31 -1.60 -11.79 -4.14
C GLY A 31 -0.14 -11.81 -4.54
N MET A 32 0.23 -10.88 -5.41
CA MET A 32 1.60 -10.71 -5.85
C MET A 32 2.52 -10.33 -4.70
N ARG A 33 2.08 -9.36 -3.89
CA ARG A 33 2.89 -8.89 -2.76
C ARG A 33 3.23 -10.01 -1.78
N ALA A 34 2.33 -10.97 -1.64
CA ALA A 34 2.48 -12.03 -0.65
C ALA A 34 3.60 -13.02 -1.02
N ILE A 35 3.93 -13.11 -2.30
CA ILE A 35 4.99 -14.03 -2.72
C ILE A 35 6.18 -13.35 -3.37
N LEU A 36 6.09 -12.04 -3.59
CA LEU A 36 7.15 -11.31 -4.29
C LEU A 36 8.48 -11.29 -3.54
N LEU A 37 8.44 -11.15 -2.21
CA LEU A 37 9.69 -11.14 -1.44
C LEU A 37 10.34 -12.51 -1.50
N TYR A 38 9.54 -13.55 -1.27
CA TYR A 38 10.03 -14.92 -1.30
C TYR A 38 10.54 -15.26 -2.69
N TYR A 39 9.89 -14.70 -3.71
CA TYR A 39 10.31 -14.90 -5.09
C TYR A 39 11.70 -14.31 -5.30
N MET A 40 11.90 -13.09 -4.81
CA MET A 40 13.21 -12.46 -4.88
C MET A 40 14.25 -13.25 -4.10
N TRP A 41 13.86 -13.79 -2.95
CA TRP A 41 14.73 -14.67 -2.18
C TRP A 41 15.16 -15.86 -3.04
N PHE A 42 14.20 -16.37 -3.81
CA PHE A 42 14.45 -17.51 -4.69
C PHE A 42 15.41 -17.14 -5.81
N LEU A 43 15.18 -15.99 -6.44
CA LEU A 43 16.05 -15.50 -7.49
C LEU A 43 17.47 -15.28 -6.98
N ILE A 44 17.57 -14.77 -5.76
CA ILE A 44 18.86 -14.59 -5.10
C ILE A 44 19.54 -15.94 -4.88
N SER A 45 18.77 -16.93 -4.42
CA SER A 45 19.32 -18.25 -4.10
C SER A 45 19.81 -19.01 -5.32
N THR A 46 19.39 -18.57 -6.50
CA THR A 46 19.78 -19.25 -7.73
C THR A 46 20.86 -18.48 -8.48
N GLY A 47 21.33 -17.38 -7.89
CA GLY A 47 22.35 -16.57 -8.50
C GLY A 47 21.84 -15.75 -9.68
N ASP A 48 20.52 -15.69 -9.82
CA ASP A 48 19.90 -14.94 -10.90
C ASP A 48 19.75 -13.47 -10.52
N LEU A 49 19.58 -13.22 -9.23
CA LEU A 49 19.48 -11.85 -8.71
C LEU A 49 20.63 -11.60 -7.75
N HIS A 50 21.50 -10.66 -8.11
CA HIS A 50 22.70 -10.41 -7.31
C HIS A 50 22.49 -9.27 -6.33
N ILE A 51 21.57 -9.47 -5.39
CA ILE A 51 21.34 -8.53 -4.31
C ILE A 51 21.26 -9.27 -2.98
N THR A 52 21.47 -8.54 -1.89
CA THR A 52 21.29 -9.09 -0.55
C THR A 52 19.80 -9.20 -0.23
N ARG A 53 19.46 -9.97 0.80
CA ARG A 53 18.08 -10.07 1.25
C ARG A 53 17.62 -8.73 1.80
N ALA A 54 18.55 -7.99 2.40
CA ALA A 54 18.25 -6.67 2.94
C ALA A 54 17.77 -5.74 1.83
N THR A 55 18.43 -5.82 0.68
CA THR A 55 18.07 -4.99 -0.45
C THR A 55 16.72 -5.43 -1.04
N ALA A 56 16.50 -6.74 -1.09
CA ALA A 56 15.23 -7.29 -1.53
C ALA A 56 14.09 -6.74 -0.67
N ALA A 57 14.30 -6.74 0.65
CA ALA A 57 13.36 -6.15 1.58
C ALA A 57 13.15 -4.66 1.28
N SER A 58 14.25 -3.97 0.98
CA SER A 58 14.20 -2.54 0.67
C SER A 58 13.41 -2.29 -0.61
N ILE A 59 13.54 -3.19 -1.57
CA ILE A 59 12.81 -3.11 -2.83
C ILE A 59 11.31 -3.16 -2.59
N MET A 60 10.87 -4.10 -1.76
CA MET A 60 9.45 -4.24 -1.42
C MET A 60 8.86 -2.93 -0.90
N ALA A 61 9.61 -2.27 -0.02
CA ALA A 61 9.14 -1.05 0.63
C ALA A 61 9.10 0.13 -0.33
N ILE A 62 10.15 0.32 -1.11
CA ILE A 62 10.22 1.45 -2.03
C ILE A 62 9.23 1.24 -3.18
N TYR A 63 8.97 -0.03 -3.50
CA TYR A 63 7.95 -0.40 -4.46
C TYR A 63 6.60 0.15 -3.98
N ALA A 64 6.23 -0.21 -2.76
CA ALA A 64 5.00 0.28 -2.15
C ALA A 64 4.96 1.81 -2.10
N SER A 65 6.10 2.40 -1.75
CA SER A 65 6.21 3.86 -1.65
C SER A 65 5.92 4.53 -2.99
N MET A 66 6.49 4.00 -4.05
CA MET A 66 6.27 4.53 -5.38
C MET A 66 4.83 4.30 -5.84
N VAL A 67 4.25 3.18 -5.43
CA VAL A 67 2.86 2.87 -5.75
C VAL A 67 1.94 3.92 -5.14
N TYR A 68 2.21 4.28 -3.89
CA TYR A 68 1.41 5.29 -3.19
C TYR A 68 1.68 6.71 -3.70
N LEU A 69 2.93 6.98 -4.05
CA LEU A 69 3.30 8.27 -4.64
C LEU A 69 2.58 8.46 -5.98
N SER A 70 2.49 7.39 -6.75
CA SER A 70 1.79 7.42 -8.03
C SER A 70 0.31 7.71 -7.83
N GLY A 71 -0.26 7.16 -6.77
CA GLY A 71 -1.64 7.41 -6.42
C GLY A 71 -1.89 8.85 -6.01
N THR A 72 -0.85 9.52 -5.52
CA THR A 72 -0.94 10.93 -5.11
C THR A 72 -1.28 11.85 -6.30
N ILE A 73 -0.87 11.46 -7.49
CA ILE A 73 -1.12 12.29 -8.67
C ILE A 73 -2.17 11.68 -9.59
N GLY A 74 -2.53 10.42 -9.32
CA GLY A 74 -3.49 9.73 -10.16
C GLY A 74 -4.83 10.41 -10.24
N GLY A 75 -5.30 10.92 -9.11
CA GLY A 75 -6.56 11.64 -9.06
C GLY A 75 -6.50 12.89 -9.93
N PHE A 76 -5.37 13.58 -9.87
CA PHE A 76 -5.16 14.79 -10.64
C PHE A 76 -5.27 14.52 -12.13
N VAL A 77 -4.56 13.50 -12.59
CA VAL A 77 -4.55 13.14 -14.01
C VAL A 77 -5.96 12.80 -14.50
N ALA A 78 -6.72 12.08 -13.69
CA ALA A 78 -8.08 11.71 -14.09
C ALA A 78 -9.02 12.90 -14.05
N ASP A 79 -8.98 13.67 -12.97
CA ASP A 79 -9.90 14.78 -12.79
C ASP A 79 -9.68 15.88 -13.83
N ARG A 80 -8.45 16.04 -14.30
CA ARG A 80 -8.12 17.19 -15.12
C ARG A 80 -7.67 16.84 -16.54
N ILE A 81 -7.42 15.57 -16.82
CA ILE A 81 -6.92 15.20 -18.14
C ILE A 81 -7.69 14.07 -18.83
N ILE A 82 -7.74 12.88 -18.24
CA ILE A 82 -8.29 11.74 -18.96
C ILE A 82 -9.63 11.20 -18.44
N GLY A 83 -10.07 11.65 -17.28
CA GLY A 83 -11.34 11.19 -16.72
C GLY A 83 -11.18 10.03 -15.74
N ALA A 84 -12.07 9.96 -14.77
CA ALA A 84 -11.99 8.95 -13.71
C ALA A 84 -12.24 7.55 -14.24
N ARG A 85 -13.26 7.40 -15.08
CA ARG A 85 -13.61 6.07 -15.60
C ARG A 85 -12.55 5.48 -16.56
N PRO A 86 -11.98 6.30 -17.46
CA PRO A 86 -10.89 5.70 -18.26
C PRO A 86 -9.64 5.40 -17.44
N ALA A 87 -9.36 6.21 -16.42
CA ALA A 87 -8.19 6.02 -15.57
C ALA A 87 -8.22 4.66 -14.88
N VAL A 88 -9.38 4.31 -14.34
CA VAL A 88 -9.57 3.01 -13.72
C VAL A 88 -9.35 1.89 -14.73
N PHE A 89 -9.94 2.02 -15.91
CA PHE A 89 -9.84 0.98 -16.92
C PHE A 89 -8.41 0.76 -17.39
N TRP A 90 -7.78 1.83 -17.88
CA TRP A 90 -6.43 1.70 -18.41
C TRP A 90 -5.45 1.44 -17.28
N GLY A 91 -5.75 1.96 -16.09
CA GLY A 91 -4.97 1.64 -14.91
C GLY A 91 -5.01 0.15 -14.66
N GLY A 92 -6.19 -0.44 -14.83
CA GLY A 92 -6.37 -1.87 -14.63
C GLY A 92 -5.61 -2.69 -15.65
N VAL A 93 -5.67 -2.26 -16.90
CA VAL A 93 -4.93 -2.93 -17.98
C VAL A 93 -3.44 -2.95 -17.68
N LEU A 94 -2.88 -1.81 -17.27
CA LEU A 94 -1.46 -1.72 -16.95
C LEU A 94 -1.07 -2.63 -15.79
N ILE A 95 -1.95 -2.74 -14.79
CA ILE A 95 -1.71 -3.61 -13.66
C ILE A 95 -1.69 -5.07 -14.12
N MET A 96 -2.69 -5.45 -14.91
CA MET A 96 -2.78 -6.78 -15.48
C MET A 96 -1.50 -7.15 -16.24
N LEU A 97 -1.00 -6.21 -17.03
CA LEU A 97 0.21 -6.42 -17.80
C LEU A 97 1.41 -6.65 -16.88
N GLY A 98 1.45 -5.89 -15.78
CA GLY A 98 2.53 -6.01 -14.81
C GLY A 98 2.64 -7.40 -14.25
N HIS A 99 1.50 -8.02 -13.97
CA HIS A 99 1.47 -9.37 -13.43
C HIS A 99 1.80 -10.40 -14.51
N ILE A 100 1.32 -10.16 -15.73
CA ILE A 100 1.61 -11.03 -16.87
C ILE A 100 3.12 -11.12 -17.10
N VAL A 101 3.81 -10.00 -16.92
CA VAL A 101 5.25 -9.95 -17.08
C VAL A 101 5.96 -10.92 -16.12
N LEU A 102 5.48 -11.01 -14.89
CA LEU A 102 6.05 -11.95 -13.93
C LEU A 102 5.62 -13.38 -14.20
N ALA A 103 4.51 -13.53 -14.92
CA ALA A 103 4.01 -14.87 -15.27
C ALA A 103 4.84 -15.48 -16.38
N LEU A 104 5.52 -14.62 -17.14
CA LEU A 104 6.38 -15.06 -18.24
C LEU A 104 7.59 -15.80 -17.71
N PRO A 105 8.14 -16.75 -18.49
CA PRO A 105 9.24 -17.57 -18.00
C PRO A 105 10.57 -16.83 -17.95
N PHE A 106 10.62 -15.74 -17.22
CA PHE A 106 11.84 -14.96 -17.07
C PHE A 106 12.28 -14.95 -15.62
N GLY A 107 13.38 -14.25 -15.35
CA GLY A 107 13.88 -14.14 -13.99
C GLY A 107 13.91 -12.70 -13.53
N ALA A 108 15.06 -12.27 -13.03
CA ALA A 108 15.23 -10.93 -12.49
C ALA A 108 14.97 -9.84 -13.53
N SER A 109 15.24 -10.15 -14.79
CA SER A 109 15.14 -9.15 -15.86
C SER A 109 13.72 -8.63 -16.07
N ALA A 110 12.72 -9.36 -15.58
CA ALA A 110 11.33 -8.97 -15.75
C ALA A 110 10.81 -8.14 -14.58
N LEU A 111 11.55 -8.16 -13.46
CA LEU A 111 11.13 -7.51 -12.23
C LEU A 111 10.86 -6.01 -12.39
N PHE A 112 11.79 -5.29 -13.02
CA PHE A 112 11.68 -3.85 -13.13
C PHE A 112 10.49 -3.44 -13.98
N GLY A 113 10.29 -4.11 -15.11
CA GLY A 113 9.18 -3.83 -16.00
C GLY A 113 7.84 -4.05 -15.31
N SER A 114 7.74 -5.15 -14.55
CA SER A 114 6.54 -5.46 -13.79
C SER A 114 6.21 -4.36 -12.80
N ILE A 115 7.24 -3.96 -12.05
CA ILE A 115 7.13 -2.92 -11.05
C ILE A 115 6.68 -1.58 -11.65
N ILE A 116 7.23 -1.22 -12.80
CA ILE A 116 6.90 0.04 -13.46
C ILE A 116 5.43 0.10 -13.86
N LEU A 117 4.97 -0.95 -14.55
CA LEU A 117 3.59 -1.04 -15.01
C LEU A 117 2.60 -0.96 -13.85
N ILE A 118 2.91 -1.62 -12.76
CA ILE A 118 2.02 -1.67 -11.61
C ILE A 118 2.01 -0.33 -10.85
N ILE A 119 3.18 0.30 -10.74
CA ILE A 119 3.26 1.64 -10.16
C ILE A 119 2.37 2.61 -10.93
N ILE A 120 2.54 2.65 -12.24
CA ILE A 120 1.74 3.54 -13.07
C ILE A 120 0.27 3.15 -13.04
N GLY A 121 0.01 1.85 -13.19
CA GLY A 121 -1.35 1.34 -13.20
C GLY A 121 -2.13 1.59 -11.92
N THR A 122 -1.51 1.28 -10.79
CA THR A 122 -2.18 1.47 -9.50
C THR A 122 -2.38 2.95 -9.23
N GLY A 123 -1.44 3.77 -9.71
CA GLY A 123 -1.55 5.21 -9.59
C GLY A 123 -2.78 5.72 -10.30
N PHE A 124 -3.08 5.14 -11.47
CA PHE A 124 -4.27 5.53 -12.22
C PHE A 124 -5.56 4.99 -11.59
N LEU A 125 -5.52 3.77 -11.10
CA LEU A 125 -6.73 3.07 -10.70
C LEU A 125 -7.19 3.42 -9.28
N LYS A 126 -6.27 3.34 -8.33
CA LYS A 126 -6.62 3.32 -6.91
C LYS A 126 -7.26 4.61 -6.37
N PRO A 127 -6.72 5.78 -6.71
CA PRO A 127 -7.41 6.97 -6.18
C PRO A 127 -8.75 7.21 -6.87
N ASN A 128 -8.89 6.71 -8.10
CA ASN A 128 -10.03 7.07 -8.92
C ASN A 128 -11.26 6.18 -8.76
N VAL A 129 -11.06 4.91 -8.39
CA VAL A 129 -12.20 4.06 -8.07
C VAL A 129 -12.81 4.56 -6.77
N SER A 130 -11.94 5.00 -5.85
CA SER A 130 -12.37 5.64 -4.62
C SER A 130 -13.19 6.88 -4.92
N THR A 131 -12.76 7.64 -5.92
CA THR A 131 -13.49 8.81 -6.40
C THR A 131 -14.87 8.43 -6.91
N LEU A 132 -14.91 7.41 -7.76
CA LEU A 132 -16.18 6.96 -8.36
C LEU A 132 -17.20 6.51 -7.34
N VAL A 133 -16.74 5.99 -6.21
CA VAL A 133 -17.65 5.62 -5.12
C VAL A 133 -18.41 6.86 -4.65
N GLY A 134 -17.68 7.96 -4.48
CA GLY A 134 -18.29 9.21 -4.06
C GLY A 134 -19.30 9.75 -5.07
N THR A 135 -19.11 9.41 -6.34
CA THR A 135 -19.99 9.94 -7.39
C THR A 135 -21.36 9.26 -7.37
N LEU A 136 -21.45 8.13 -6.67
CA LEU A 136 -22.70 7.39 -6.60
C LEU A 136 -23.73 8.09 -5.72
N TYR A 137 -23.28 9.10 -4.98
CA TYR A 137 -24.15 9.81 -4.05
C TYR A 137 -24.26 11.29 -4.38
N ASP A 138 -25.24 11.95 -3.77
CA ASP A 138 -25.32 13.40 -3.82
C ASP A 138 -24.38 13.95 -2.75
N GLU A 139 -24.00 15.21 -2.88
CA GLU A 139 -23.10 15.85 -1.92
C GLU A 139 -23.65 15.77 -0.50
N HIS A 140 -24.97 15.76 -0.38
CA HIS A 140 -25.60 15.69 0.93
C HIS A 140 -26.41 14.41 1.08
N ASP A 141 -25.73 13.37 1.53
CA ASP A 141 -26.31 12.05 1.76
C ASP A 141 -25.48 11.37 2.85
N ARG A 142 -26.14 10.94 3.92
CA ARG A 142 -25.45 10.39 5.08
C ARG A 142 -24.94 8.96 4.83
N ARG A 143 -25.43 8.33 3.77
CA ARG A 143 -24.99 6.98 3.41
C ARG A 143 -23.54 6.97 2.89
N ARG A 144 -23.06 8.15 2.50
CA ARG A 144 -21.71 8.33 1.97
C ARG A 144 -20.63 7.64 2.80
N ASP A 145 -20.73 7.79 4.12
CA ASP A 145 -19.78 7.16 5.04
C ASP A 145 -19.95 5.64 5.09
N ALA A 146 -21.21 5.20 5.20
CA ALA A 146 -21.51 3.78 5.25
C ALA A 146 -21.10 3.09 3.94
N GLY A 147 -21.38 3.75 2.82
CA GLY A 147 -21.07 3.23 1.51
C GLY A 147 -19.58 3.04 1.29
N PHE A 148 -18.79 4.02 1.72
CA PHE A 148 -17.34 3.94 1.56
C PHE A 148 -16.76 2.94 2.56
N SER A 149 -17.46 2.71 3.66
CA SER A 149 -17.05 1.72 4.65
C SER A 149 -17.21 0.30 4.09
N ILE A 150 -18.34 0.05 3.43
CA ILE A 150 -18.59 -1.21 2.73
C ILE A 150 -17.53 -1.43 1.65
N PHE A 151 -17.15 -0.34 0.99
CA PHE A 151 -16.15 -0.36 -0.06
C PHE A 151 -14.79 -0.83 0.46
N VAL A 152 -14.40 -0.36 1.63
CA VAL A 152 -13.15 -0.74 2.25
C VAL A 152 -13.19 -2.20 2.70
N PHE A 153 -14.37 -2.65 3.12
CA PHE A 153 -14.55 -4.06 3.47
C PHE A 153 -14.22 -4.92 2.25
N GLY A 154 -14.64 -4.48 1.08
CA GLY A 154 -14.36 -5.19 -0.15
C GLY A 154 -12.90 -5.20 -0.54
N ILE A 155 -12.23 -4.07 -0.32
CA ILE A 155 -10.79 -3.95 -0.54
C ILE A 155 -10.03 -5.03 0.24
N ASN A 156 -10.45 -5.25 1.49
CA ASN A 156 -9.79 -6.20 2.38
C ASN A 156 -10.24 -7.65 2.15
N LEU A 157 -11.44 -7.82 1.57
CA LEU A 157 -11.90 -9.13 1.14
C LEU A 157 -10.96 -9.71 0.08
N GLY A 158 -10.57 -8.88 -0.88
CA GLY A 158 -9.65 -9.32 -1.92
C GLY A 158 -8.26 -9.56 -1.36
N ALA A 159 -7.85 -8.66 -0.46
CA ALA A 159 -6.57 -8.79 0.22
C ALA A 159 -6.51 -10.02 1.10
N PHE A 160 -7.66 -10.52 1.53
CA PHE A 160 -7.71 -11.68 2.40
C PHE A 160 -7.54 -13.00 1.64
N ILE A 161 -8.28 -13.17 0.55
CA ILE A 161 -8.28 -14.45 -0.14
C ILE A 161 -7.07 -14.64 -1.05
N ALA A 162 -6.48 -13.52 -1.49
CA ALA A 162 -5.36 -13.56 -2.43
C ALA A 162 -4.12 -14.34 -1.93
N PRO A 163 -3.63 -14.04 -0.72
CA PRO A 163 -2.45 -14.79 -0.28
C PRO A 163 -2.74 -16.29 -0.11
N LEU A 164 -3.96 -16.62 0.27
CA LEU A 164 -4.37 -18.02 0.40
C LEU A 164 -4.34 -18.71 -0.96
N ILE A 165 -4.99 -18.09 -1.93
CA ILE A 165 -5.11 -18.65 -3.28
C ILE A 165 -3.79 -18.61 -4.04
N VAL A 166 -3.15 -17.46 -4.08
CA VAL A 166 -1.91 -17.30 -4.84
C VAL A 166 -0.77 -18.03 -4.14
N GLY A 167 -0.75 -17.97 -2.81
CA GLY A 167 0.28 -18.62 -2.02
C GLY A 167 0.27 -20.12 -2.19
N ALA A 168 -0.92 -20.72 -2.15
CA ALA A 168 -1.05 -22.16 -2.33
C ALA A 168 -0.69 -22.54 -3.76
N ALA A 169 -1.13 -21.72 -4.71
CA ALA A 169 -0.83 -21.94 -6.12
C ALA A 169 0.66 -21.93 -6.38
N GLN A 170 1.37 -21.00 -5.73
CA GLN A 170 2.82 -20.93 -5.83
C GLN A 170 3.44 -22.24 -5.38
N GLU A 171 2.94 -22.76 -4.26
CA GLU A 171 3.48 -23.99 -3.69
C GLU A 171 3.15 -25.21 -4.55
N ALA A 172 2.04 -25.14 -5.28
CA ALA A 172 1.64 -26.24 -6.14
C ALA A 172 2.37 -26.18 -7.49
N ALA A 173 2.16 -25.08 -8.22
CA ALA A 173 2.60 -25.00 -9.62
C ALA A 173 3.73 -24.01 -9.89
N GLY A 174 4.35 -23.48 -8.84
CA GLY A 174 5.48 -22.57 -9.01
C GLY A 174 5.10 -21.10 -9.09
N TYR A 175 6.11 -20.24 -9.06
CA TYR A 175 5.93 -18.79 -8.99
C TYR A 175 5.21 -18.19 -10.19
N HIS A 176 5.60 -18.57 -11.41
CA HIS A 176 5.03 -17.98 -12.61
C HIS A 176 3.54 -18.25 -12.74
N VAL A 177 3.13 -19.46 -12.37
CA VAL A 177 1.72 -19.81 -12.41
C VAL A 177 0.95 -18.95 -11.40
N ALA A 178 1.51 -18.83 -10.21
CA ALA A 178 0.87 -18.02 -9.15
C ALA A 178 0.74 -16.57 -9.57
N PHE A 179 1.78 -16.03 -10.20
CA PHE A 179 1.75 -14.66 -10.69
C PHE A 179 0.70 -14.49 -11.77
N SER A 180 0.50 -15.52 -12.59
CA SER A 180 -0.49 -15.44 -13.66
C SER A 180 -1.89 -15.38 -13.06
N LEU A 181 -2.05 -15.99 -11.88
CA LEU A 181 -3.33 -15.93 -11.17
C LEU A 181 -3.62 -14.50 -10.73
N ALA A 182 -2.58 -13.75 -10.38
CA ALA A 182 -2.73 -12.33 -10.09
C ALA A 182 -3.22 -11.59 -11.32
N ALA A 183 -2.60 -11.86 -12.47
CA ALA A 183 -3.02 -11.26 -13.73
C ALA A 183 -4.49 -11.54 -14.02
N ILE A 184 -4.88 -12.80 -13.83
CA ILE A 184 -6.25 -13.24 -14.09
C ILE A 184 -7.24 -12.51 -13.17
N GLY A 185 -6.83 -12.30 -11.92
CA GLY A 185 -7.65 -11.60 -10.96
C GLY A 185 -7.96 -10.18 -11.39
N MET A 186 -6.96 -9.48 -11.91
CA MET A 186 -7.16 -8.12 -12.40
C MET A 186 -8.05 -8.14 -13.64
N PHE A 187 -7.88 -9.18 -14.46
CA PHE A 187 -8.70 -9.34 -15.66
C PHE A 187 -10.17 -9.45 -15.29
N ILE A 188 -10.46 -10.25 -14.26
CA ILE A 188 -11.81 -10.38 -13.74
C ILE A 188 -12.36 -9.02 -13.31
N GLY A 189 -11.52 -8.25 -12.63
CA GLY A 189 -11.90 -6.93 -12.17
C GLY A 189 -12.25 -6.00 -13.33
N LEU A 190 -11.48 -6.09 -14.41
CA LEU A 190 -11.72 -5.28 -15.59
C LEU A 190 -13.06 -5.64 -16.24
N LEU A 191 -13.37 -6.94 -16.28
CA LEU A 191 -14.64 -7.40 -16.83
C LEU A 191 -15.82 -6.83 -16.06
N VAL A 192 -15.85 -7.05 -14.75
CA VAL A 192 -16.92 -6.54 -13.90
C VAL A 192 -16.99 -5.02 -13.97
N TYR A 193 -15.84 -4.38 -14.02
CA TYR A 193 -15.80 -2.92 -14.08
C TYR A 193 -16.33 -2.39 -15.40
N TYR A 194 -15.85 -2.95 -16.50
CA TYR A 194 -16.24 -2.47 -17.83
C TYR A 194 -17.73 -2.65 -18.07
N PHE A 195 -18.21 -3.89 -17.99
CA PHE A 195 -19.60 -4.16 -18.30
C PHE A 195 -20.53 -3.64 -17.21
N GLY A 196 -20.10 -3.77 -15.96
CA GLY A 196 -20.90 -3.28 -14.85
C GLY A 196 -20.93 -1.77 -14.80
N GLY A 197 -19.83 -1.14 -15.22
CA GLY A 197 -19.70 0.30 -15.16
C GLY A 197 -20.61 1.06 -16.10
N LYS A 198 -20.73 0.58 -17.34
CA LYS A 198 -21.60 1.18 -18.36
C LYS A 198 -23.06 1.19 -17.92
N LYS A 199 -23.39 0.39 -16.92
CA LYS A 199 -24.76 0.25 -16.46
C LYS A 199 -25.05 1.00 -15.15
N THR A 200 -24.02 1.23 -14.34
CA THR A 200 -24.23 1.87 -13.04
C THR A 200 -23.61 3.27 -12.91
N LEU A 201 -22.57 3.55 -13.68
CA LEU A 201 -21.81 4.79 -13.48
C LEU A 201 -22.28 5.92 -14.39
N ASP A 202 -22.22 7.15 -13.87
CA ASP A 202 -22.58 8.34 -14.64
C ASP A 202 -21.58 8.55 -15.77
N PRO A 203 -22.09 8.83 -16.99
CA PRO A 203 -21.25 9.08 -18.16
C PRO A 203 -20.37 10.34 -18.08
N HIS A 204 -20.72 11.31 -17.23
CA HIS A 204 -19.92 12.54 -17.13
C HIS A 204 -18.50 12.29 -16.60
N TYR A 205 -18.27 11.08 -16.10
CA TYR A 205 -16.96 10.69 -15.58
C TYR A 205 -16.18 9.87 -16.60
N LEU A 206 -16.63 9.90 -17.86
CA LEU A 206 -15.85 9.38 -18.97
C LEU A 206 -14.86 10.43 -19.43
N ARG A 207 -15.08 11.67 -18.97
CA ARG A 207 -14.24 12.80 -19.32
C ARG A 207 -13.80 13.53 -18.04
N PRO A 208 -12.68 14.28 -18.10
CA PRO A 208 -12.27 15.07 -16.94
C PRO A 208 -13.36 16.02 -16.45
N THR A 209 -13.62 16.02 -15.15
CA THR A 209 -14.65 16.88 -14.58
C THR A 209 -14.11 18.27 -14.30
N ASP A 210 -12.79 18.39 -14.28
CA ASP A 210 -12.14 19.67 -14.04
C ASP A 210 -10.94 19.80 -14.96
N PRO A 211 -11.19 19.86 -16.28
CA PRO A 211 -10.08 19.86 -17.25
C PRO A 211 -9.15 21.05 -17.06
N LEU A 212 -7.89 20.87 -17.43
CA LEU A 212 -6.94 21.97 -17.42
C LEU A 212 -7.47 23.13 -18.24
N ALA A 213 -7.55 24.30 -17.62
CA ALA A 213 -7.86 25.52 -18.35
C ALA A 213 -6.72 25.80 -19.33
N PRO A 214 -7.04 26.48 -20.45
CA PRO A 214 -6.05 26.81 -21.48
C PRO A 214 -4.74 27.39 -20.93
N GLU A 215 -4.83 28.37 -20.03
CA GLU A 215 -3.64 29.04 -19.52
C GLU A 215 -2.89 28.23 -18.47
N GLU A 216 -3.46 27.11 -18.04
CA GLU A 216 -2.81 26.28 -17.03
C GLU A 216 -1.82 25.29 -17.64
N VAL A 217 -2.04 24.93 -18.90
CA VAL A 217 -1.27 23.86 -19.52
C VAL A 217 0.23 24.16 -19.59
N LYS A 218 0.60 25.33 -20.08
CA LYS A 218 2.02 25.67 -20.24
C LYS A 218 2.80 25.67 -18.91
N PRO A 219 2.34 26.42 -17.89
CA PRO A 219 3.14 26.41 -16.65
C PRO A 219 3.20 25.04 -15.98
N LEU A 220 2.15 24.25 -16.10
CA LEU A 220 2.19 22.87 -15.62
C LEU A 220 3.28 22.09 -16.35
N LEU A 221 3.25 22.19 -17.68
CA LEU A 221 4.22 21.51 -18.54
C LEU A 221 5.65 21.92 -18.21
N VAL A 222 5.86 23.20 -17.93
CA VAL A 222 7.17 23.70 -17.51
C VAL A 222 7.63 23.04 -16.22
N LYS A 223 6.76 23.00 -15.22
CA LYS A 223 7.11 22.44 -13.92
C LYS A 223 7.39 20.94 -13.98
N VAL A 224 6.64 20.22 -14.81
CA VAL A 224 6.89 18.80 -15.00
C VAL A 224 8.22 18.58 -15.72
N SER A 225 8.48 19.40 -16.74
CA SER A 225 9.71 19.31 -17.52
C SER A 225 10.94 19.55 -16.65
N LEU A 226 10.89 20.60 -15.84
CA LEU A 226 12.01 20.93 -14.95
C LEU A 226 12.24 19.82 -13.93
N ALA A 227 11.14 19.27 -13.41
CA ALA A 227 11.24 18.19 -12.43
C ALA A 227 11.88 16.96 -13.04
N VAL A 228 11.37 16.54 -14.19
CA VAL A 228 11.91 15.37 -14.89
C VAL A 228 13.37 15.63 -15.30
N ALA A 229 13.65 16.84 -15.76
CA ALA A 229 15.01 17.21 -16.15
C ALA A 229 15.95 17.21 -14.95
N GLY A 230 15.48 17.75 -13.82
CA GLY A 230 16.26 17.74 -12.60
C GLY A 230 16.56 16.32 -12.16
N PHE A 231 15.53 15.49 -12.15
CA PHE A 231 15.66 14.09 -11.74
C PHE A 231 16.69 13.35 -12.59
N ILE A 232 16.61 13.54 -13.89
CA ILE A 232 17.52 12.87 -14.83
C ILE A 232 18.96 13.36 -14.66
N ALA A 233 19.11 14.66 -14.42
CA ALA A 233 20.43 15.24 -14.21
C ALA A 233 21.10 14.63 -12.98
N ILE A 234 20.32 14.44 -11.92
CA ILE A 234 20.81 13.83 -10.69
C ILE A 234 21.30 12.41 -10.95
N ILE A 235 20.51 11.64 -11.70
CA ILE A 235 20.88 10.27 -12.04
C ILE A 235 22.17 10.21 -12.86
N VAL A 236 22.29 11.11 -13.82
CA VAL A 236 23.52 11.25 -14.59
C VAL A 236 24.72 11.46 -13.68
N VAL A 237 24.64 12.47 -12.81
CA VAL A 237 25.69 12.77 -11.85
C VAL A 237 26.02 11.55 -11.00
N MET A 238 24.98 10.83 -10.57
CA MET A 238 25.15 9.62 -9.77
C MET A 238 25.95 8.55 -10.52
N ASN A 239 25.69 8.41 -11.81
CA ASN A 239 26.39 7.42 -12.62
C ASN A 239 27.81 7.86 -12.96
N LEU A 240 28.06 9.17 -12.93
CA LEU A 240 29.40 9.70 -13.20
C LEU A 240 30.31 9.51 -11.99
N VAL A 241 29.76 9.71 -10.80
CA VAL A 241 30.56 9.63 -9.58
C VAL A 241 30.52 8.24 -8.95
N GLY A 242 29.89 7.29 -9.64
CA GLY A 242 29.90 5.90 -9.22
C GLY A 242 28.92 5.53 -8.12
N TRP A 243 27.85 6.31 -7.98
CA TRP A 243 26.77 5.98 -7.06
C TRP A 243 25.59 5.40 -7.84
N ASN A 244 25.80 4.25 -8.45
CA ASN A 244 24.80 3.66 -9.34
C ASN A 244 24.39 2.26 -8.91
N SER A 245 24.71 1.90 -7.67
CA SER A 245 24.23 0.65 -7.10
C SER A 245 22.72 0.75 -6.94
N LEU A 246 22.05 -0.40 -6.77
CA LEU A 246 20.61 -0.40 -6.55
C LEU A 246 20.21 0.34 -5.26
N PRO A 247 20.92 0.14 -4.14
CA PRO A 247 20.60 0.95 -2.96
C PRO A 247 20.73 2.44 -3.20
N ALA A 248 21.69 2.86 -4.04
CA ALA A 248 21.84 4.26 -4.39
C ALA A 248 20.56 4.82 -4.99
N TYR A 249 19.97 4.06 -5.90
CA TYR A 249 18.74 4.47 -6.57
C TYR A 249 17.57 4.47 -5.59
N ILE A 250 17.57 3.49 -4.69
CA ILE A 250 16.54 3.42 -3.66
C ILE A 250 16.66 4.60 -2.70
N ASN A 251 17.89 4.99 -2.39
CA ASN A 251 18.13 6.16 -1.56
C ASN A 251 17.66 7.44 -2.24
N LEU A 252 17.92 7.55 -3.53
CA LEU A 252 17.43 8.68 -4.33
C LEU A 252 15.91 8.77 -4.25
N LEU A 253 15.25 7.63 -4.44
CA LEU A 253 13.80 7.56 -4.41
C LEU A 253 13.27 7.88 -3.01
N THR A 254 13.97 7.38 -1.99
CA THR A 254 13.63 7.68 -0.60
C THR A 254 13.65 9.18 -0.36
N ILE A 255 14.75 9.81 -0.75
CA ILE A 255 14.92 11.25 -0.58
C ILE A 255 13.83 12.04 -1.29
N VAL A 256 13.54 11.68 -2.54
CA VAL A 256 12.50 12.34 -3.32
C VAL A 256 11.13 12.24 -2.64
N ALA A 257 10.79 11.05 -2.17
CA ALA A 257 9.49 10.81 -1.54
C ALA A 257 9.34 11.61 -0.24
N ILE A 258 10.40 11.68 0.55
CA ILE A 258 10.38 12.42 1.80
C ILE A 258 10.45 13.92 1.58
N ALA A 259 11.17 14.34 0.55
CA ALA A 259 11.31 15.76 0.25
C ALA A 259 9.97 16.37 -0.17
N ILE A 260 9.12 15.56 -0.77
CA ILE A 260 7.85 16.05 -1.30
C ILE A 260 6.94 16.67 -0.24
N PRO A 261 6.70 15.99 0.91
CA PRO A 261 5.88 16.68 1.90
C PRO A 261 6.60 17.88 2.52
N VAL A 262 7.93 17.80 2.62
CA VAL A 262 8.71 18.88 3.20
C VAL A 262 8.48 20.18 2.43
N PHE A 263 8.58 20.12 1.11
CA PHE A 263 8.37 21.29 0.28
C PHE A 263 6.88 21.59 0.11
N TYR A 264 6.05 20.54 0.18
CA TYR A 264 4.61 20.71 0.08
C TYR A 264 4.06 21.41 1.32
N PHE A 265 4.64 21.11 2.47
CA PHE A 265 4.22 21.74 3.72
C PHE A 265 4.88 23.10 3.90
N ALA A 266 6.09 23.24 3.38
CA ALA A 266 6.76 24.53 3.37
C ALA A 266 5.92 25.54 2.59
N TRP A 267 5.23 25.05 1.57
CA TRP A 267 4.47 25.87 0.64
C TRP A 267 3.31 26.61 1.36
N MET A 268 2.51 25.89 2.16
CA MET A 268 1.42 26.50 2.92
C MET A 268 1.91 27.33 4.11
N ILE A 269 2.95 26.84 4.81
CA ILE A 269 3.67 27.61 5.80
C ILE A 269 4.48 28.71 5.10
N VAL A 282 -2.48 24.91 9.83
CA VAL A 282 -1.70 24.12 8.87
C VAL A 282 -0.50 23.50 9.56
N VAL A 283 0.06 24.22 10.53
CA VAL A 283 1.12 23.67 11.38
C VAL A 283 0.49 22.60 12.28
N SER A 284 -0.83 22.65 12.41
CA SER A 284 -1.56 21.62 13.15
C SER A 284 -1.67 20.32 12.34
N TYR A 285 -1.50 20.44 11.03
CA TYR A 285 -1.53 19.26 10.15
C TYR A 285 -0.28 18.41 10.29
N ILE A 286 0.84 19.06 10.62
CA ILE A 286 2.13 18.39 10.70
C ILE A 286 2.15 17.16 11.60
N PRO A 287 1.66 17.27 12.86
CA PRO A 287 1.73 16.05 13.69
C PRO A 287 0.79 14.97 13.20
N LEU A 288 -0.31 15.37 12.56
CA LEU A 288 -1.24 14.41 11.98
C LEU A 288 -0.56 13.65 10.85
N PHE A 289 0.18 14.37 10.03
CA PHE A 289 0.87 13.79 8.89
C PHE A 289 1.96 12.83 9.36
N ILE A 290 2.74 13.26 10.33
CA ILE A 290 3.83 12.46 10.87
C ILE A 290 3.31 11.16 11.49
N ALA A 291 2.25 11.28 12.29
CA ALA A 291 1.65 10.12 12.93
C ALA A 291 1.20 9.09 11.90
N ALA A 292 0.53 9.58 10.86
CA ALA A 292 0.10 8.73 9.76
C ALA A 292 1.30 8.05 9.09
N VAL A 293 2.30 8.85 8.74
CA VAL A 293 3.52 8.33 8.13
C VAL A 293 4.15 7.21 8.96
N LEU A 294 4.28 7.45 10.25
CA LEU A 294 4.88 6.46 11.15
C LEU A 294 4.00 5.22 11.30
N PHE A 295 2.68 5.42 11.32
CA PHE A 295 1.78 4.28 11.45
C PHE A 295 1.82 3.40 10.20
N TRP A 296 1.79 4.02 9.02
CA TRP A 296 1.80 3.26 7.78
C TRP A 296 3.14 2.60 7.56
N ALA A 297 4.20 3.18 8.12
CA ALA A 297 5.52 2.57 8.06
C ALA A 297 5.47 1.20 8.73
N ILE A 298 4.93 1.16 9.94
CA ILE A 298 4.79 -0.08 10.68
C ILE A 298 3.82 -1.04 10.00
N GLU A 299 2.67 -0.52 9.58
CA GLU A 299 1.65 -1.35 8.94
C GLU A 299 2.19 -2.02 7.68
N GLU A 300 2.96 -1.27 6.89
CA GLU A 300 3.46 -1.78 5.62
C GLU A 300 4.66 -2.71 5.79
N GLN A 301 5.21 -2.78 7.00
CA GLN A 301 6.30 -3.70 7.27
C GLN A 301 5.79 -5.11 7.48
N GLY A 302 4.46 -5.25 7.54
CA GLY A 302 3.84 -6.57 7.63
C GLY A 302 4.19 -7.45 6.45
N SER A 303 4.28 -6.85 5.27
CA SER A 303 4.57 -7.61 4.05
C SER A 303 6.07 -7.74 3.81
N VAL A 304 6.87 -7.20 4.71
CA VAL A 304 8.32 -7.24 4.56
C VAL A 304 9.00 -7.85 5.78
N VAL A 305 9.01 -7.11 6.88
CA VAL A 305 9.64 -7.58 8.10
C VAL A 305 8.90 -8.77 8.71
N LEU A 306 7.58 -8.65 8.83
CA LEU A 306 6.79 -9.73 9.41
C LEU A 306 6.76 -10.93 8.48
N ALA A 307 6.72 -10.66 7.19
CA ALA A 307 6.80 -11.72 6.19
C ALA A 307 8.11 -12.48 6.34
N THR A 308 9.18 -11.75 6.66
CA THR A 308 10.48 -12.37 6.87
C THR A 308 10.49 -13.20 8.14
N PHE A 309 9.95 -12.62 9.21
CA PHE A 309 9.82 -13.31 10.48
C PHE A 309 9.03 -14.61 10.29
N ALA A 310 7.93 -14.50 9.56
CA ALA A 310 7.06 -15.64 9.30
C ALA A 310 7.83 -16.78 8.64
N ALA A 311 8.69 -16.43 7.69
CA ALA A 311 9.42 -17.43 6.92
C ALA A 311 10.60 -18.02 7.68
N GLU A 312 11.23 -17.22 8.54
CA GLU A 312 12.48 -17.63 9.17
C GLU A 312 12.33 -18.09 10.62
N ARG A 313 11.31 -17.59 11.32
CA ARG A 313 11.22 -17.76 12.76
C ARG A 313 9.97 -18.52 13.20
N VAL A 314 9.16 -18.91 12.22
CA VAL A 314 7.95 -19.68 12.49
C VAL A 314 8.02 -20.99 11.70
N ASP A 315 7.52 -22.07 12.29
CA ASP A 315 7.44 -23.33 11.56
C ASP A 315 6.24 -23.31 10.63
N SER A 316 6.51 -23.12 9.34
CA SER A 316 5.46 -23.12 8.32
C SER A 316 5.67 -24.31 7.39
N SER A 317 5.96 -25.46 7.97
CA SER A 317 6.28 -26.66 7.21
C SER A 317 5.03 -27.29 6.60
N TRP A 318 3.86 -26.95 7.15
CA TRP A 318 2.61 -27.59 6.73
C TRP A 318 1.61 -26.64 6.09
N PHE A 319 1.99 -25.39 5.89
CA PHE A 319 1.13 -24.44 5.19
C PHE A 319 1.95 -23.34 4.53
N PRO A 320 1.44 -22.78 3.42
CA PRO A 320 2.15 -21.68 2.75
C PRO A 320 2.39 -20.52 3.71
N VAL A 321 3.65 -20.16 3.90
CA VAL A 321 4.00 -19.12 4.86
C VAL A 321 3.45 -17.77 4.41
N SER A 322 3.18 -17.65 3.11
CA SER A 322 2.61 -16.42 2.56
C SER A 322 1.20 -16.16 3.10
N TRP A 323 0.57 -17.20 3.65
CA TRP A 323 -0.79 -17.09 4.17
C TRP A 323 -0.91 -16.11 5.33
N PHE A 324 0.19 -15.87 6.02
CA PHE A 324 0.20 -14.92 7.13
C PHE A 324 -0.24 -13.52 6.68
N GLN A 325 -0.01 -13.21 5.41
CA GLN A 325 -0.40 -11.92 4.86
C GLN A 325 -1.91 -11.72 4.84
N SER A 326 -2.67 -12.79 5.04
CA SER A 326 -4.13 -12.69 5.09
C SER A 326 -4.64 -12.18 6.44
N LEU A 327 -3.79 -12.23 7.46
CA LEU A 327 -4.18 -11.84 8.81
C LEU A 327 -4.53 -10.34 8.91
N ASN A 328 -3.76 -9.52 8.22
CA ASN A 328 -3.98 -8.08 8.23
C ASN A 328 -5.41 -7.73 7.77
N PRO A 329 -5.79 -8.12 6.54
CA PRO A 329 -7.16 -7.76 6.16
C PRO A 329 -8.23 -8.63 6.83
N LEU A 330 -7.84 -9.76 7.41
CA LEU A 330 -8.79 -10.55 8.18
C LEU A 330 -9.31 -9.74 9.35
N PHE A 331 -8.42 -9.00 10.00
CA PHE A 331 -8.79 -8.23 11.19
C PHE A 331 -9.57 -6.97 10.85
N ILE A 332 -9.33 -6.42 9.66
CA ILE A 332 -10.16 -5.31 9.19
C ILE A 332 -11.61 -5.77 9.15
N MET A 333 -11.84 -6.93 8.56
CA MET A 333 -13.19 -7.45 8.39
C MET A 333 -13.84 -7.82 9.73
N LEU A 334 -13.04 -8.30 10.68
CA LEU A 334 -13.58 -8.65 12.00
C LEU A 334 -13.90 -7.43 12.84
N TYR A 335 -13.09 -6.38 12.69
CA TYR A 335 -13.26 -5.17 13.51
C TYR A 335 -14.36 -4.26 12.95
N THR A 336 -14.60 -4.36 11.65
CA THR A 336 -15.57 -3.48 10.99
C THR A 336 -16.97 -3.53 11.63
N PRO A 337 -17.54 -4.74 11.86
CA PRO A 337 -18.86 -4.74 12.51
C PRO A 337 -18.86 -4.04 13.86
N PHE A 338 -17.89 -4.36 14.71
CA PHE A 338 -17.77 -3.74 16.02
C PHE A 338 -17.71 -2.23 15.93
N PHE A 339 -16.72 -1.74 15.18
CA PHE A 339 -16.43 -0.31 15.11
C PHE A 339 -17.55 0.49 14.45
N ALA A 340 -18.28 -0.14 13.53
CA ALA A 340 -19.48 0.49 12.98
C ALA A 340 -20.46 0.75 14.11
N TRP A 341 -20.91 -0.31 14.78
CA TRP A 341 -21.72 -0.18 15.98
C TRP A 341 -21.11 0.79 16.97
N LEU A 342 -19.78 0.74 17.12
CA LEU A 342 -19.09 1.57 18.11
C LEU A 342 -19.35 3.06 17.88
N TRP A 343 -19.26 3.48 16.63
CA TRP A 343 -19.46 4.88 16.29
C TRP A 343 -20.92 5.28 16.37
N THR A 344 -21.82 4.37 16.00
CA THR A 344 -23.25 4.59 16.19
C THR A 344 -23.56 4.86 17.67
N ALA A 345 -22.89 4.10 18.53
CA ALA A 345 -23.21 4.05 19.96
C ALA A 345 -22.25 4.84 20.86
N TRP A 346 -21.38 5.66 20.27
CA TRP A 346 -20.53 6.57 21.04
C TRP A 346 -21.10 7.98 20.92
N PRO A 351 -13.80 11.56 20.49
CA PRO A 351 -12.36 11.40 20.28
C PRO A 351 -11.88 12.29 19.14
N SER A 352 -10.91 13.17 19.39
CA SER A 352 -10.48 14.09 18.35
C SER A 352 -9.67 13.36 17.30
N SER A 353 -9.64 13.93 16.10
CA SER A 353 -8.85 13.40 15.00
C SER A 353 -7.37 13.21 15.42
N PRO A 354 -6.76 14.20 16.08
CA PRO A 354 -5.41 13.94 16.60
C PRO A 354 -5.34 12.85 17.66
N THR A 355 -6.42 12.64 18.42
CA THR A 355 -6.45 11.55 19.42
C THR A 355 -6.39 10.20 18.72
N LYS A 356 -7.31 9.98 17.77
CA LYS A 356 -7.41 8.73 17.02
C LYS A 356 -6.06 8.31 16.42
N PHE A 357 -5.33 9.28 15.89
CA PHE A 357 -4.02 9.02 15.30
C PHE A 357 -2.99 8.62 16.34
N ALA A 358 -3.05 9.25 17.51
CA ALA A 358 -2.10 8.95 18.58
C ALA A 358 -2.26 7.53 19.09
N VAL A 359 -3.48 7.19 19.48
CA VAL A 359 -3.80 5.85 19.98
C VAL A 359 -3.49 4.81 18.91
N GLY A 360 -3.81 5.14 17.66
CA GLY A 360 -3.51 4.27 16.54
C GLY A 360 -2.04 3.98 16.40
N LEU A 361 -1.22 5.02 16.50
CA LEU A 361 0.23 4.87 16.43
C LEU A 361 0.76 4.12 17.64
N MET A 362 0.09 4.30 18.78
CA MET A 362 0.42 3.57 20.00
C MET A 362 0.23 2.07 19.81
N PHE A 363 -0.91 1.71 19.20
CA PHE A 363 -1.20 0.30 18.91
C PHE A 363 -0.18 -0.29 17.95
N ALA A 364 0.21 0.50 16.95
CA ALA A 364 1.24 0.08 16.01
C ALA A 364 2.53 -0.22 16.77
N GLY A 365 2.88 0.69 17.67
CA GLY A 365 4.06 0.52 18.51
C GLY A 365 3.95 -0.72 19.37
N LEU A 366 2.78 -0.92 19.97
CA LEU A 366 2.52 -2.10 20.78
C LEU A 366 2.65 -3.38 19.96
N SER A 367 2.26 -3.30 18.68
CA SER A 367 2.31 -4.46 17.81
C SER A 367 3.76 -4.91 17.59
N PHE A 368 4.68 -3.95 17.61
CA PHE A 368 6.11 -4.27 17.45
C PHE A 368 6.74 -4.67 18.78
N LEU A 369 6.31 -4.05 19.88
CA LEU A 369 6.81 -4.42 21.20
C LEU A 369 6.45 -5.88 21.49
N LEU A 370 5.25 -6.27 21.10
CA LEU A 370 4.82 -7.66 21.24
C LEU A 370 5.76 -8.60 20.50
N MET A 371 6.13 -8.21 19.27
CA MET A 371 7.01 -9.02 18.44
C MET A 371 8.43 -9.15 18.99
N ALA A 372 8.78 -8.28 19.93
CA ALA A 372 10.09 -8.32 20.57
C ALA A 372 10.16 -9.41 21.63
N ILE A 373 8.99 -9.80 22.13
CA ILE A 373 8.92 -10.76 23.23
C ILE A 373 9.40 -12.19 22.87
N PRO A 374 8.91 -12.78 21.76
CA PRO A 374 9.35 -14.15 21.51
C PRO A 374 10.88 -14.30 21.37
N GLY A 375 11.52 -13.34 20.72
CA GLY A 375 12.96 -13.37 20.60
C GLY A 375 13.66 -13.25 21.94
N ALA A 376 13.16 -12.35 22.79
CA ALA A 376 13.77 -12.11 24.08
C ALA A 376 13.54 -13.27 25.04
N LEU A 377 12.39 -13.93 24.90
CA LEU A 377 12.02 -15.03 25.79
C LEU A 377 12.57 -16.38 25.32
N TYR A 378 12.51 -16.63 24.01
CA TYR A 378 12.92 -17.93 23.47
C TYR A 378 14.23 -17.93 22.70
N GLY A 379 14.83 -16.76 22.51
CA GLY A 379 16.00 -16.65 21.66
C GLY A 379 15.57 -16.52 20.21
N THR A 380 16.50 -16.21 19.31
CA THR A 380 16.17 -16.01 17.91
C THR A 380 16.59 -17.15 16.99
N SER A 381 17.27 -18.16 17.55
CA SER A 381 17.79 -19.25 16.72
C SER A 381 16.79 -20.38 16.51
N GLY A 382 15.65 -20.33 17.19
CA GLY A 382 14.65 -21.37 17.06
C GLY A 382 13.39 -20.92 16.32
N LYS A 383 12.27 -21.57 16.62
CA LYS A 383 11.00 -21.19 16.02
C LYS A 383 9.91 -21.02 17.09
N VAL A 384 9.01 -20.07 16.86
CA VAL A 384 7.97 -19.74 17.81
C VAL A 384 6.58 -19.87 17.21
N SER A 385 5.57 -19.82 18.07
CA SER A 385 4.17 -19.94 17.66
C SER A 385 3.73 -18.86 16.68
N PRO A 386 2.89 -19.25 15.70
CA PRO A 386 2.27 -18.30 14.76
C PRO A 386 1.41 -17.25 15.45
N LEU A 387 1.01 -17.53 16.68
CA LEU A 387 0.11 -16.65 17.42
C LEU A 387 0.76 -15.32 17.77
N TRP A 388 2.09 -15.28 17.76
CA TRP A 388 2.79 -14.02 17.97
C TRP A 388 2.47 -13.05 16.84
N LEU A 389 2.53 -13.52 15.61
CA LEU A 389 2.21 -12.71 14.44
C LEU A 389 0.71 -12.39 14.40
N VAL A 390 -0.11 -13.33 14.86
CA VAL A 390 -1.55 -13.12 14.94
C VAL A 390 -1.86 -11.98 15.88
N GLY A 391 -1.21 -11.99 17.04
CA GLY A 391 -1.43 -10.97 18.05
C GLY A 391 -0.88 -9.63 17.60
N SER A 392 0.22 -9.66 16.84
CA SER A 392 0.83 -8.45 16.34
C SER A 392 -0.10 -7.74 15.34
N TRP A 393 -0.59 -8.50 14.37
CA TRP A 393 -1.50 -7.94 13.38
C TRP A 393 -2.81 -7.49 14.03
N ALA A 394 -3.25 -8.21 15.05
CA ALA A 394 -4.44 -7.82 15.80
C ALA A 394 -4.27 -6.44 16.42
N LEU A 395 -3.06 -6.14 16.88
CA LEU A 395 -2.78 -4.86 17.52
C LEU A 395 -2.68 -3.71 16.53
N VAL A 396 -1.95 -3.91 15.44
CA VAL A 396 -1.73 -2.83 14.47
C VAL A 396 -3.00 -2.52 13.68
N ILE A 397 -3.83 -3.53 13.44
CA ILE A 397 -5.07 -3.32 12.68
C ILE A 397 -6.10 -2.63 13.57
N LEU A 398 -6.01 -2.89 14.87
CA LEU A 398 -6.82 -2.16 15.84
C LEU A 398 -6.51 -0.68 15.71
N GLY A 399 -5.22 -0.36 15.60
CA GLY A 399 -4.79 1.00 15.34
C GLY A 399 -5.25 1.54 14.00
N GLU A 400 -5.30 0.67 12.99
CA GLU A 400 -5.74 1.08 11.65
C GLU A 400 -7.21 1.49 11.68
N MET A 401 -7.99 0.84 12.54
CA MET A 401 -9.40 1.14 12.70
C MET A 401 -9.64 2.58 13.15
N LEU A 402 -8.66 3.17 13.84
CA LEU A 402 -8.74 4.54 14.30
C LEU A 402 -8.27 5.52 13.22
N ILE A 403 -7.74 4.97 12.14
CA ILE A 403 -7.21 5.76 11.02
C ILE A 403 -7.98 5.50 9.72
N SER A 404 -8.37 4.25 9.49
CA SER A 404 -9.01 3.85 8.23
C SER A 404 -10.51 4.18 8.19
N PRO A 405 -11.00 4.65 7.02
CA PRO A 405 -12.44 4.88 6.82
C PRO A 405 -13.17 3.63 6.35
N ASN A 420 -11.97 16.79 -1.37
CA ASN A 420 -11.64 15.45 -0.92
C ASN A 420 -10.69 14.75 -1.89
N SER A 421 -10.56 15.29 -3.09
CA SER A 421 -9.53 14.85 -4.03
C SER A 421 -8.16 15.23 -3.46
N GLN A 422 -8.15 16.38 -2.78
CA GLN A 422 -6.94 16.95 -2.21
C GLN A 422 -6.50 16.20 -0.95
N MET A 423 -7.47 15.84 -0.10
CA MET A 423 -7.15 15.13 1.13
C MET A 423 -6.74 13.68 0.86
N MET A 424 -7.42 13.04 -0.08
CA MET A 424 -7.06 11.69 -0.52
C MET A 424 -5.62 11.67 -1.01
N SER A 425 -5.21 12.75 -1.66
CA SER A 425 -3.84 12.89 -2.12
C SER A 425 -2.86 12.89 -0.95
N MET A 426 -3.21 13.61 0.12
CA MET A 426 -2.37 13.63 1.32
C MET A 426 -2.31 12.26 1.97
N TRP A 427 -3.37 11.49 1.79
CA TRP A 427 -3.47 10.13 2.31
C TRP A 427 -2.47 9.19 1.64
N PHE A 428 -2.48 9.18 0.30
CA PHE A 428 -1.54 8.39 -0.47
C PHE A 428 -0.10 8.85 -0.19
N LEU A 429 0.08 10.15 -0.02
CA LEU A 429 1.39 10.72 0.26
C LEU A 429 1.94 10.25 1.61
N SER A 430 1.09 10.26 2.64
CA SER A 430 1.51 9.81 3.96
C SER A 430 1.92 8.32 3.89
N SER A 431 1.14 7.54 3.15
CA SER A 431 1.47 6.14 2.91
C SER A 431 2.81 6.01 2.21
N SER A 432 3.02 6.83 1.19
CA SER A 432 4.26 6.81 0.39
C SER A 432 5.51 7.10 1.23
N VAL A 433 5.45 8.14 2.04
CA VAL A 433 6.56 8.53 2.91
C VAL A 433 6.86 7.46 3.96
N GLY A 434 5.81 6.81 4.46
CA GLY A 434 5.97 5.72 5.40
C GLY A 434 6.80 4.60 4.81
N SER A 435 6.47 4.24 3.58
CA SER A 435 7.17 3.14 2.91
C SER A 435 8.56 3.56 2.46
N ALA A 436 8.73 4.84 2.16
CA ALA A 436 10.05 5.37 1.84
C ALA A 436 10.96 5.24 3.05
N LEU A 437 10.41 5.56 4.22
CA LEU A 437 11.12 5.39 5.48
C LEU A 437 11.43 3.91 5.72
N ASN A 438 10.47 3.04 5.41
CA ASN A 438 10.66 1.60 5.54
C ASN A 438 11.80 1.09 4.68
N ALA A 439 11.92 1.65 3.48
CA ALA A 439 12.96 1.28 2.54
C ALA A 439 14.35 1.43 3.17
N GLN A 440 14.48 2.38 4.08
CA GLN A 440 15.70 2.53 4.85
C GLN A 440 15.69 1.58 6.04
N LEU A 441 14.56 1.55 6.76
CA LEU A 441 14.49 0.85 8.04
C LEU A 441 14.58 -0.67 7.94
N VAL A 442 13.88 -1.27 6.97
CA VAL A 442 13.78 -2.73 6.92
C VAL A 442 15.12 -3.41 6.62
N THR A 443 16.10 -2.65 6.12
CA THR A 443 17.41 -3.21 5.85
C THR A 443 18.14 -3.50 7.16
N LEU A 444 17.68 -2.89 8.24
CA LEU A 444 18.28 -3.13 9.55
C LEU A 444 17.82 -4.45 10.16
N TYR A 445 16.73 -5.02 9.62
CA TYR A 445 16.15 -6.20 10.26
C TYR A 445 16.83 -7.50 9.87
N ASN A 446 17.15 -8.29 10.89
CA ASN A 446 17.70 -9.64 10.71
C ASN A 446 17.61 -10.41 12.03
N ALA A 447 17.94 -11.70 11.98
CA ALA A 447 17.81 -12.57 13.16
C ALA A 447 18.60 -12.06 14.36
N LYS A 448 19.74 -11.43 14.07
CA LYS A 448 20.65 -10.93 15.09
C LYS A 448 20.16 -9.61 15.69
N SER A 449 19.43 -8.83 14.90
CA SER A 449 18.96 -7.51 15.34
C SER A 449 17.49 -7.52 15.70
N GLU A 450 16.85 -8.68 15.54
CA GLU A 450 15.40 -8.86 15.71
C GLU A 450 14.79 -8.19 16.93
N VAL A 451 15.25 -8.56 18.13
CA VAL A 451 14.68 -8.04 19.37
C VAL A 451 14.89 -6.53 19.50
N ALA A 452 16.10 -6.06 19.21
CA ALA A 452 16.38 -4.64 19.29
C ALA A 452 15.54 -3.85 18.28
N TYR A 453 15.38 -4.40 17.08
CA TYR A 453 14.58 -3.77 16.03
C TYR A 453 13.14 -3.55 16.47
N PHE A 454 12.49 -4.61 16.94
CA PHE A 454 11.09 -4.52 17.37
C PHE A 454 10.94 -3.67 18.64
N SER A 455 11.91 -3.77 19.56
CA SER A 455 11.86 -2.99 20.80
C SER A 455 12.00 -1.50 20.54
N TYR A 456 13.04 -1.15 19.81
CA TYR A 456 13.39 0.24 19.51
C TYR A 456 12.26 0.98 18.77
N PHE A 457 11.89 0.46 17.61
CA PHE A 457 10.88 1.11 16.80
C PHE A 457 9.50 0.95 17.42
N GLY A 458 9.33 -0.11 18.22
CA GLY A 458 8.10 -0.31 18.94
C GLY A 458 7.90 0.73 20.02
N LEU A 459 8.90 0.88 20.89
CA LEU A 459 8.79 1.84 22.00
C LEU A 459 8.84 3.27 21.47
N GLY A 460 9.62 3.48 20.41
CA GLY A 460 9.70 4.79 19.77
C GLY A 460 8.34 5.25 19.29
N SER A 461 7.58 4.34 18.68
CA SER A 461 6.28 4.67 18.13
C SER A 461 5.26 4.95 19.25
N VAL A 462 5.39 4.24 20.36
CA VAL A 462 4.52 4.48 21.50
C VAL A 462 4.80 5.85 22.10
N VAL A 463 6.09 6.17 22.26
CA VAL A 463 6.51 7.45 22.81
C VAL A 463 6.11 8.61 21.88
N LEU A 464 6.42 8.45 20.59
CA LEU A 464 6.05 9.47 19.62
C LEU A 464 4.54 9.65 19.57
N GLY A 465 3.80 8.58 19.87
CA GLY A 465 2.36 8.66 19.95
C GLY A 465 1.93 9.58 21.07
N ILE A 466 2.59 9.44 22.22
CA ILE A 466 2.34 10.29 23.38
C ILE A 466 2.71 11.74 23.09
N VAL A 467 3.87 11.93 22.47
CA VAL A 467 4.35 13.27 22.16
C VAL A 467 3.43 13.98 21.17
N LEU A 468 3.03 13.28 20.11
CA LEU A 468 2.23 13.87 19.05
C LEU A 468 0.80 14.19 19.50
N VAL A 469 0.31 13.52 20.54
CA VAL A 469 -1.05 13.78 21.00
C VAL A 469 -1.11 15.03 21.86
N PHE A 470 0.02 15.37 22.49
CA PHE A 470 0.08 16.55 23.35
C PHE A 470 0.64 17.75 22.60
N LEU A 471 1.57 17.47 21.68
CA LEU A 471 2.13 18.52 20.83
C LEU A 471 1.03 19.18 20.00
N SER A 472 0.11 18.36 19.50
CA SER A 472 -1.00 18.85 18.69
C SER A 472 -2.02 19.59 19.54
P PO4 B . 16.92 -13.48 -16.22
O1 PO4 B . 15.48 -13.03 -16.48
O2 PO4 B . 17.71 -13.26 -17.48
O3 PO4 B . 16.90 -14.96 -15.87
O4 PO4 B . 17.51 -12.69 -15.07
P PO4 C . 23.32 -5.00 -3.41
O1 PO4 C . 23.03 -3.98 -4.52
O2 PO4 C . 22.15 -5.19 -2.44
O3 PO4 C . 23.64 -6.33 -4.08
O4 PO4 C . 24.51 -4.53 -2.59
P PO4 D . -8.99 18.56 -8.72
O1 PO4 D . -10.20 18.84 -7.83
O2 PO4 D . -7.79 19.37 -8.22
O3 PO4 D . -9.28 18.97 -10.16
O4 PO4 D . -8.69 17.07 -8.66
OH2 1PE E . 9.27 -19.34 1.39
C12 1PE E . 10.30 -19.40 2.33
C22 1PE E . 11.63 -19.34 1.53
OH3 1PE E . 11.34 -19.06 0.17
C13 1PE E . 13.09 -19.01 -1.49
C23 1PE E . 12.33 -18.23 -0.40
OH4 1PE E . 14.38 -19.33 -1.03
C14 1PE E . 14.26 -21.44 -2.21
C24 1PE E . 14.56 -20.72 -0.87
OH5 1PE E . 13.12 -22.24 -2.05
C15 1PE E . 10.97 -21.44 -2.81
C25 1PE E . 12.27 -22.20 -3.17
OH6 1PE E . 9.87 -22.17 -3.26
C16 1PE E . 8.42 -23.41 -1.80
C26 1PE E . 9.75 -23.41 -2.59
OH7 1PE E . 8.37 -22.18 -1.12
O22 78N F . 18.56 -8.94 23.34
C19 78N F . 17.46 -9.41 24.16
C18 78N F . 17.58 -8.87 25.60
O20 78N F . 18.92 -8.50 25.89
C17 78N F . 16.66 -7.67 25.76
O16 78N F . 15.33 -8.13 25.90
C8 78N F . 14.35 -7.19 25.55
O15 78N F . 14.64 -6.19 24.97
C7 78N F . 12.89 -7.44 25.93
C6 78N F . 12.00 -6.53 25.07
C5 78N F . 10.52 -6.62 25.60
C4 78N F . 9.75 -5.40 25.12
C3 78N F . 8.23 -5.65 25.27
C2 78N F . 7.67 -4.74 26.34
C1 78N F . 6.33 -4.69 26.56
C9 78N F . 5.39 -5.58 25.69
C10 78N F . 4.05 -4.89 25.52
C11 78N F . 3.40 -5.41 24.23
C12 78N F . 2.03 -6.07 24.57
C13 78N F . 0.95 -5.00 24.46
C15 78N F . -1.18 -4.28 25.56
C14 78N F . -0.38 -5.49 25.05
O22 78N G . 3.48 -19.36 26.84
C19 78N G . 4.37 -18.23 26.70
C18 78N G . 3.63 -17.08 25.98
O20 78N G . 2.22 -17.29 26.12
C17 78N G . 3.98 -15.74 26.60
O16 78N G . 2.78 -15.07 26.95
C8 78N G . 2.77 -13.65 26.85
O15 78N G . 3.14 -12.99 27.77
C7 78N G . 2.30 -12.94 25.59
C6 78N G . 2.14 -11.44 25.93
C5 78N G . 0.71 -10.94 25.52
C4 78N G . 0.37 -9.70 26.34
C3 78N G . -1.16 -9.49 26.33
C2 78N G . -1.50 -8.30 27.23
C1 78N G . -2.73 -7.72 27.13
C9 78N G . -3.77 -8.27 26.13
C10 78N G . -4.78 -7.16 25.80
C11 78N G . -4.19 -6.22 24.73
C12 78N G . -4.74 -4.79 24.97
C13 78N G . -5.26 -4.18 23.67
C15 78N G . -7.45 -3.00 23.30
C14 78N G . -6.07 -2.92 23.99
O21 78M H . 1.29 -21.61 21.70
C20 78M H . 1.11 -20.18 21.80
C18 78M H . 2.36 -19.54 22.40
O19 78M H . 2.30 -19.63 23.78
C17 78M H . 2.45 -18.08 21.99
O2 78M H . 1.21 -17.42 22.17
C1 78M H . 1.35 -16.03 22.47
O1 78M H . 2.12 -15.67 23.37
C2 78M H . 0.54 -14.96 21.70
C3 78M H . 0.54 -13.67 22.50
C4 78M H . -0.07 -12.50 21.65
C5 78M H . -1.52 -12.27 22.08
C6 78M H . -1.64 -10.88 22.71
C7 78M H . -2.29 -9.90 21.69
C8 78M H . -3.39 -9.15 22.05
C9 78M H . -4.02 -8.20 21.07
C10 78M H . -5.57 -8.31 21.18
C11 78M H . -6.24 -6.99 20.67
C12 78M H . -7.57 -7.31 19.95
C13 78M H . -8.50 -8.22 20.84
C15 78M H . -8.54 -10.70 21.16
C14 78M H . -8.72 -9.57 20.14
O22 78N I . -0.42 -23.56 17.18
C19 78N I . -0.78 -22.89 15.95
C18 78N I . -2.27 -22.49 15.94
O20 78N I . -2.75 -22.35 17.28
C17 78N I . -2.42 -21.17 15.20
O16 78N I . -2.58 -21.43 13.82
C8 78N I . -2.71 -20.27 13.02
O15 78N I . -3.45 -19.39 13.35
C7 78N I . -1.90 -20.15 11.74
C6 78N I . -2.09 -18.74 11.14
C5 78N I . -1.33 -18.67 9.75
C4 78N I . -2.01 -17.66 8.82
C3 78N I . -3.47 -18.09 8.56
C2 78N I . -4.14 -17.05 7.69
C1 78N I . -5.49 -17.05 7.51
C9 78N I . -6.38 -18.13 8.22
C10 78N I . -7.75 -17.54 8.52
C11 78N I . -8.53 -18.50 9.42
C12 78N I . -9.84 -17.80 9.92
C13 78N I . -10.97 -18.06 8.92
C15 78N I . -12.77 -16.33 9.23
C14 78N I . -12.32 -17.75 9.61
O22 78N J . 6.19 -24.91 -13.80
C19 78N J . 7.07 -24.20 -14.69
C18 78N J . 6.60 -22.73 -14.82
O20 78N J . 7.44 -22.03 -15.74
C17 78N J . 5.17 -22.70 -15.32
O16 78N J . 5.14 -22.24 -16.65
C8 78N J . 4.56 -20.95 -16.79
O15 78N J . 5.26 -19.99 -16.84
C7 78N J . 3.05 -20.81 -16.88
C6 78N J . 2.66 -19.36 -17.24
C5 78N J . 1.11 -19.21 -17.02
C4 78N J . 0.51 -18.31 -18.10
C3 78N J . -1.02 -18.26 -17.93
C2 78N J . -1.65 -17.56 -19.12
C1 78N J . -2.21 -16.33 -18.98
C9 78N J . -2.21 -15.60 -17.60
C10 78N J . -2.73 -14.17 -17.78
C11 78N J . -4.06 -14.21 -18.53
C12 78N J . -4.76 -12.82 -18.45
C13 78N J . -4.69 -12.12 -19.81
C15 78N J . -6.02 -10.86 -21.53
C14 78N J . -6.06 -11.51 -20.14
O22 78N K . 12.70 -10.41 -20.55
C19 78N K . 11.83 -9.69 -19.64
C18 78N K . 10.85 -8.82 -20.47
O20 78N K . 9.54 -9.40 -20.45
C17 78N K . 10.83 -7.44 -19.85
O16 78N K . 9.57 -7.18 -19.30
C8 78N K . 8.88 -6.17 -20.00
O15 78N K . 8.10 -6.47 -20.85
C7 78N K . 9.13 -4.70 -19.67
C6 78N K . 8.30 -3.82 -20.63
C5 78N K . 7.36 -2.91 -19.78
C4 78N K . 8.09 -1.62 -19.42
C3 78N K . 7.07 -0.57 -18.94
C2 78N K . 7.44 0.80 -19.49
C1 78N K . 6.51 1.78 -19.56
C9 78N K . 5.04 1.52 -19.08
C10 78N K . 4.06 2.09 -20.11
C11 78N K . 2.97 2.87 -19.38
C12 78N K . 2.56 4.11 -20.22
C13 78N K . 2.19 5.27 -19.28
C15 78N K . 0.05 5.34 -20.58
C14 78N K . 1.17 6.19 -19.98
O22 78N L . 17.40 -5.81 -10.65
C19 78N L . 16.04 -5.79 -11.12
C18 78N L . 15.10 -5.50 -9.93
O20 78N L . 15.81 -5.75 -8.71
C17 78N L . 14.64 -4.06 -9.98
O16 78N L . 14.31 -3.61 -8.68
C8 78N L . 13.90 -2.26 -8.63
O15 78N L . 13.79 -1.64 -9.65
C7 78N L . 13.62 -1.58 -7.30
C6 78N L . 13.20 -0.11 -7.53
C5 78N L . 11.67 -0.03 -7.87
C4 78N L . 11.20 1.42 -7.83
C3 78N L . 10.86 1.90 -9.25
C2 78N L . 11.74 3.08 -9.60
C1 78N L . 11.27 4.15 -10.27
C9 78N L . 9.77 4.21 -10.71
C10 78N L . 9.41 5.65 -11.08
C11 78N L . 9.85 6.59 -9.96
C12 78N L . 8.87 7.80 -9.89
C13 78N L . 7.51 7.30 -9.38
C15 78N L . 5.07 7.88 -9.36
C14 78N L . 6.48 8.45 -9.52
O22 78N M . 18.79 -1.84 -12.64
C19 78N M . 17.42 -1.38 -12.57
C18 78N M . 17.20 -0.63 -11.24
O20 78N M . 18.44 -0.07 -10.79
C17 78N M . 16.21 0.49 -11.44
O16 78N M . 16.59 1.56 -10.60
C8 78N M . 15.64 2.61 -10.53
O15 78N M . 14.51 2.36 -10.26
C7 78N M . 16.09 4.03 -10.82
C6 78N M . 14.97 5.08 -10.63
C5 78N M . 14.53 5.58 -12.05
C4 78N M . 14.10 4.36 -12.85
C3 78N M . 13.81 4.76 -14.31
C2 78N M . 12.65 5.72 -14.31
C1 78N M . 11.70 5.63 -15.27
C9 78N M . 11.77 4.57 -16.40
C10 78N M . 10.71 4.91 -17.44
C11 78N M . 9.37 5.09 -16.72
C12 78N M . 8.53 6.18 -17.47
C13 78N M . 8.23 5.68 -18.88
C15 78N M . 6.10 7.00 -18.70
C14 78N M . 6.70 5.64 -19.10
O22 78N N . 26.32 3.62 -2.58
C19 78N N . 26.20 5.03 -2.30
C18 78N N . 24.72 5.42 -2.34
O20 78N N . 24.02 4.79 -1.26
C17 78N N . 24.57 6.92 -2.18
O16 78N N . 23.85 7.42 -3.29
C8 78N N . 22.79 8.29 -2.97
O15 78N N . 22.32 8.27 -1.87
C7 78N N . 22.25 9.25 -4.01
C6 78N N . 21.38 10.33 -3.36
C5 78N N . 20.88 11.30 -4.51
C4 78N N . 21.09 12.75 -4.08
C3 78N N . 19.73 13.48 -4.14
C2 78N N . 19.88 14.84 -3.50
C1 78N N . 18.82 15.71 -3.44
C9 78N N . 17.43 15.32 -4.03
C10 78N N . 16.40 16.31 -3.51
C11 78N N . 15.23 16.41 -4.51
C12 78N N . 14.16 17.39 -3.96
C13 78N N . 13.13 17.65 -5.05
C15 78N N . 11.32 19.38 -5.08
C14 78N N . 11.78 18.08 -4.43
O22 78N O . 23.84 7.00 2.59
C19 78N O . 23.56 8.28 1.98
C18 78N O . 22.21 8.80 2.50
O20 78N O . 21.91 10.07 1.89
C17 78N O . 21.12 7.81 2.15
O16 78N O . 20.17 7.77 3.21
C8 78N O . 18.88 8.23 2.85
O15 78N O . 18.50 8.08 1.73
C7 78N O . 17.98 8.89 3.88
C6 78N O . 17.68 10.35 3.46
C5 78N O . 16.29 10.83 4.05
C4 78N O . 16.44 12.22 4.67
C3 78N O . 15.65 13.29 3.89
C2 78N O . 16.62 14.21 3.16
C1 78N O . 16.32 15.49 2.79
C9 78N O . 14.95 16.16 3.08
C10 78N O . 14.86 17.46 2.25
C11 78N O . 14.55 18.65 3.16
C12 78N O . 15.05 19.97 2.49
C13 78N O . 15.55 20.94 3.57
C15 78N O . 13.91 22.74 4.16
C14 78N O . 15.08 22.37 3.24
O22 78N P . 19.97 2.65 6.78
C19 78N P . 18.97 3.14 7.71
C18 78N P . 19.24 4.63 8.00
O20 78N P . 19.66 5.28 6.80
C17 78N P . 17.97 5.31 8.52
O16 78N P . 17.84 6.55 7.85
C8 78N P . 16.67 7.29 8.15
O15 78N P . 16.21 7.29 9.25
C7 78N P . 16.00 8.09 7.05
C6 78N P . 14.71 8.72 7.61
C5 78N P . 14.84 10.28 7.64
C4 78N P . 13.77 10.82 8.58
C3 78N P . 13.84 12.36 8.65
C2 78N P . 13.14 12.96 7.43
C1 78N P . 13.45 14.22 7.03
C9 78N P . 14.51 15.05 7.79
C10 78N P . 14.20 16.54 7.61
C11 78N P . 12.71 16.79 7.85
C12 78N P . 12.51 18.08 8.70
C13 78N P . 11.02 18.31 8.93
C15 78N P . 10.27 16.43 10.44
C14 78N P . 10.64 17.91 10.38
O22 78N Q . -16.82 1.97 -16.83
C19 78N Q . -17.10 1.14 -17.98
C18 78N Q . -16.55 1.82 -19.26
O20 78N Q . -17.62 2.48 -19.94
C17 78N Q . -15.49 2.84 -18.89
O16 78N Q . -14.21 2.25 -19.05
C8 78N Q . -13.51 2.67 -20.22
O15 78N Q . -13.31 3.83 -20.41
C7 78N Q . -13.06 1.63 -21.23
C6 78N Q . -12.55 2.35 -22.50
C5 78N Q . -11.44 1.49 -23.24
C4 78N Q . -12.08 0.33 -24.01
C3 78N Q . -11.08 -0.20 -25.05
C2 78N Q . -11.50 -1.58 -25.54
C1 78N Q . -10.58 -2.58 -25.64
C9 78N Q . -9.09 -2.29 -25.27
C10 78N Q . -8.44 -3.55 -24.68
C11 78N Q . -6.92 -3.36 -24.69
C12 78N Q . -6.23 -4.48 -23.86
C13 78N Q . -4.73 -4.43 -24.12
C15 78N Q . -2.83 -6.06 -24.36
C14 78N Q . -4.04 -5.66 -23.51
O22 78N R . -6.62 20.76 -26.73
C19 78N R . -5.19 20.58 -26.70
C18 78N R . -4.76 19.77 -25.47
O20 78N R . -5.67 18.69 -25.24
C17 78N R . -3.37 19.20 -25.69
O16 78N R . -2.40 20.20 -25.47
C8 78N R . -1.24 19.73 -24.80
O15 78N R . -1.38 19.00 -23.87
C7 78N R . 0.15 20.17 -25.23
C6 78N R . 1.22 19.59 -24.28
C5 78N R . 1.57 18.10 -24.69
C4 78N R . 1.71 17.23 -23.44
C3 78N R . 3.20 16.89 -23.20
C2 78N R . 3.29 15.78 -22.19
C1 78N R . 4.47 15.47 -21.58
C9 78N R . 5.77 16.26 -21.92
C10 78N R . 6.69 16.29 -20.69
C11 78N R . 6.95 14.85 -20.23
C12 78N R . 8.17 14.85 -19.26
C13 78N R . 9.23 13.89 -19.80
C15 78N R . 9.74 11.46 -20.27
C14 78N R . 8.83 12.43 -19.50
N ALA S . -5.52 -3.69 5.79
CA ALA S . -4.84 -3.43 4.53
C ALA S . -5.45 -2.24 3.79
O ALA S . -6.60 -1.89 4.01
CB ALA S . -4.88 -4.67 3.64
N GLN T . -4.66 -1.63 2.91
CA GLN T . -5.03 -0.38 2.25
C GLN T . -5.53 -0.59 0.83
O GLN T . -6.38 0.13 0.34
CB GLN T . -3.84 0.59 2.25
CG GLN T . -4.05 1.87 1.46
CD GLN T . -3.21 3.03 1.98
OE1 GLN T . -3.38 4.17 1.57
NE2 GLN T . -2.30 2.73 2.92
OXT GLN T . -5.09 -1.49 0.12
#